data_4E17
#
_entry.id   4E17
#
_cell.length_a   50.747
_cell.length_b   55.969
_cell.length_c   128.015
_cell.angle_alpha   90.000
_cell.angle_beta   90.000
_cell.angle_gamma   90.000
#
_symmetry.space_group_name_H-M   'P 21 21 21'
#
loop_
_entity.id
_entity.type
_entity.pdbx_description
1 polymer Vinculin
2 polymer 'Catenin alpha-1'
3 water water
#
loop_
_entity_poly.entity_id
_entity_poly.type
_entity_poly.pdbx_seq_one_letter_code
_entity_poly.pdbx_strand_id
1 'polypeptide(L)'
;GGIQMPVFHTRTIESILEPVAQQISHLVIMHEEGEVDGKAIPDLTAPVSAVQAAVSNLVRVGKETVQTTEDQILKRDMPP
AFIKVENACTKLVRAAQMLQADPYSVPARDYLIDGSRGILSGTSDLLLTFDEAEVRKIIRVCKGILEYLTVAEVVETMED
LVTYTKNLGPGMTKMAKMIDERQQELTHQEHRVMLVNSMNTVKELLPVLISAMKIFVTTKNTKSQGIEEALKNRNFTVEK
MSAEINEIIRVLQLTSWDEDAWA
;
A
2 'polypeptide(L)' GGIQDSSCTRDDRRERIVAECNAVRQALQDLLSEYMGNAG B
#
# COMPACT_ATOMS: atom_id res chain seq x y z
N ILE A 3 9.33 -5.53 22.65
CA ILE A 3 8.21 -5.96 21.83
C ILE A 3 8.50 -5.67 20.35
N GLN A 4 8.32 -6.69 19.52
CA GLN A 4 8.84 -6.65 18.15
C GLN A 4 8.03 -5.80 17.17
N MET A 5 8.76 -5.10 16.31
CA MET A 5 8.20 -4.31 15.22
C MET A 5 7.63 -5.24 14.16
N PRO A 6 6.43 -4.93 13.65
CA PRO A 6 5.79 -5.82 12.66
C PRO A 6 6.51 -5.83 11.31
N VAL A 7 6.26 -6.88 10.53
CA VAL A 7 6.76 -6.97 9.17
C VAL A 7 6.11 -5.88 8.33
N PHE A 8 6.88 -5.23 7.45
CA PHE A 8 6.31 -4.20 6.59
C PHE A 8 5.24 -4.79 5.67
N HIS A 9 4.30 -3.95 5.26
CA HIS A 9 3.07 -4.41 4.62
C HIS A 9 3.27 -4.95 3.20
N THR A 10 4.09 -4.30 2.40
CA THR A 10 4.36 -4.74 1.04
C THR A 10 5.85 -4.79 0.76
N ARG A 11 6.23 -5.43 -0.34
CA ARG A 11 7.64 -5.58 -0.71
C ARG A 11 8.29 -4.24 -1.04
N THR A 12 7.53 -3.34 -1.64
CA THR A 12 8.01 -1.99 -1.95
C THR A 12 8.39 -1.23 -0.68
N ILE A 13 7.45 -1.19 0.27
CA ILE A 13 7.67 -0.51 1.54
C ILE A 13 8.84 -1.15 2.28
N GLU A 14 8.88 -2.47 2.25
CA GLU A 14 9.97 -3.25 2.85
C GLU A 14 11.34 -2.84 2.30
N SER A 15 11.43 -2.75 0.98
CA SER A 15 12.70 -2.42 0.34
C SER A 15 13.18 -1.02 0.69
N ILE A 16 12.23 -0.10 0.89
CA ILE A 16 12.56 1.27 1.24
C ILE A 16 12.93 1.44 2.71
N LEU A 17 12.18 0.80 3.61
CA LEU A 17 12.29 1.10 5.03
C LEU A 17 13.14 0.14 5.87
N GLU A 18 13.19 -1.12 5.45
CA GLU A 18 13.95 -2.14 6.18
C GLU A 18 15.43 -1.79 6.42
N PRO A 19 16.15 -1.28 5.41
CA PRO A 19 17.55 -0.89 5.68
C PRO A 19 17.67 0.24 6.71
N VAL A 20 16.68 1.13 6.74
CA VAL A 20 16.67 2.20 7.72
C VAL A 20 16.43 1.63 9.10
N ALA A 21 15.42 0.76 9.19
CA ALA A 21 15.04 0.15 10.47
C ALA A 21 16.20 -0.62 11.09
N GLN A 22 17.00 -1.25 10.24
CA GLN A 22 18.12 -2.06 10.69
C GLN A 22 19.28 -1.19 11.17
N GLN A 23 19.59 -0.15 10.41
CA GLN A 23 20.66 0.76 10.79
C GLN A 23 20.38 1.47 12.11
N ILE A 24 19.12 1.83 12.33
CA ILE A 24 18.71 2.46 13.59
C ILE A 24 18.90 1.49 14.76
N SER A 25 18.52 0.24 14.55
CA SER A 25 18.69 -0.79 15.59
CA SER A 25 18.69 -0.80 15.57
C SER A 25 20.16 -0.91 15.98
N HIS A 26 21.03 -0.87 14.98
CA HIS A 26 22.47 -0.91 15.16
C HIS A 26 22.92 0.28 16.01
N LEU A 27 22.44 1.47 15.64
CA LEU A 27 22.74 2.70 16.37
C LEU A 27 22.30 2.61 17.84
N VAL A 28 21.08 2.12 18.06
CA VAL A 28 20.56 1.95 19.42
C VAL A 28 21.45 1.01 20.24
N ILE A 29 21.88 -0.09 19.63
CA ILE A 29 22.77 -1.03 20.28
C ILE A 29 24.10 -0.39 20.65
N MET A 30 24.66 0.42 19.74
CA MET A 30 25.86 1.18 20.02
C MET A 30 25.66 2.10 21.23
N HIS A 31 24.50 2.73 21.29
CA HIS A 31 24.18 3.67 22.36
C HIS A 31 24.14 2.97 23.72
N GLU A 32 23.45 1.83 23.76
CA GLU A 32 23.25 1.10 25.01
C GLU A 32 24.49 0.34 25.47
N GLU A 33 25.44 0.14 24.55
CA GLU A 33 26.63 -0.67 24.85
C GLU A 33 27.91 0.13 25.04
N GLY A 34 28.53 0.54 23.94
CA GLY A 34 29.88 1.06 23.98
C GLY A 34 30.02 2.57 24.03
N GLU A 35 30.20 3.18 22.87
CA GLU A 35 30.50 4.60 22.80
C GLU A 35 29.69 5.25 21.69
N ILE A 41 34.09 11.97 15.34
CA ILE A 41 32.77 12.35 14.86
C ILE A 41 32.84 13.56 13.94
N PRO A 42 32.57 13.37 12.64
CA PRO A 42 32.62 14.47 11.68
C PRO A 42 31.50 15.47 11.90
N ASP A 43 31.59 16.62 11.22
CA ASP A 43 30.55 17.63 11.27
C ASP A 43 29.30 17.13 10.55
N LEU A 44 28.23 16.91 11.31
CA LEU A 44 27.01 16.33 10.76
C LEU A 44 26.05 17.39 10.23
N THR A 45 26.55 18.61 10.06
CA THR A 45 25.69 19.71 9.60
C THR A 45 25.24 19.53 8.15
N ALA A 46 26.16 19.12 7.28
CA ALA A 46 25.85 18.93 5.86
C ALA A 46 24.93 17.72 5.56
N PRO A 47 25.23 16.54 6.13
CA PRO A 47 24.31 15.42 5.84
C PRO A 47 22.93 15.60 6.45
N VAL A 48 22.82 16.34 7.55
CA VAL A 48 21.51 16.68 8.11
C VAL A 48 20.73 17.58 7.15
N SER A 49 21.42 18.54 6.55
CA SER A 49 20.82 19.43 5.57
C SER A 49 20.33 18.66 4.35
N ALA A 50 21.04 17.60 4.00
CA ALA A 50 20.65 16.74 2.88
C ALA A 50 19.37 15.98 3.20
N VAL A 51 19.21 15.60 4.47
CA VAL A 51 18.00 14.95 4.94
C VAL A 51 16.83 15.93 4.94
N GLN A 52 17.09 17.15 5.40
CA GLN A 52 16.06 18.20 5.39
C GLN A 52 15.55 18.43 3.98
N ALA A 53 16.48 18.51 3.04
CA ALA A 53 16.14 18.74 1.64
C ALA A 53 15.28 17.61 1.10
N ALA A 54 15.69 16.37 1.37
CA ALA A 54 14.96 15.19 0.93
C ALA A 54 13.55 15.15 1.50
N VAL A 55 13.44 15.43 2.80
CA VAL A 55 12.15 15.45 3.48
C VAL A 55 11.26 16.57 2.95
N SER A 56 11.87 17.72 2.68
CA SER A 56 11.14 18.86 2.12
C SER A 56 10.52 18.48 0.77
N ASN A 57 11.31 17.82 -0.07
CA ASN A 57 10.84 17.39 -1.38
C ASN A 57 9.72 16.34 -1.27
N LEU A 58 9.86 15.43 -0.31
CA LEU A 58 8.84 14.42 -0.07
C LEU A 58 7.51 15.06 0.34
N VAL A 59 7.57 15.99 1.29
CA VAL A 59 6.37 16.68 1.77
C VAL A 59 5.73 17.48 0.64
N ARG A 60 6.56 18.04 -0.22
CA ARG A 60 6.10 18.81 -1.37
C ARG A 60 5.28 17.92 -2.31
N VAL A 61 5.86 16.77 -2.68
CA VAL A 61 5.17 15.81 -3.53
C VAL A 61 3.92 15.27 -2.86
N GLY A 62 4.00 15.09 -1.54
CA GLY A 62 2.86 14.63 -0.78
C GLY A 62 1.70 15.63 -0.80
N LYS A 63 2.03 16.91 -0.72
CA LYS A 63 1.02 17.96 -0.74
C LYS A 63 0.34 18.05 -2.10
N GLU A 64 1.13 17.88 -3.16
CA GLU A 64 0.59 17.87 -4.52
C GLU A 64 -0.32 16.67 -4.72
N THR A 65 0.03 15.55 -4.08
CA THR A 65 -0.78 14.34 -4.15
C THR A 65 -2.08 14.55 -3.38
N VAL A 66 -2.01 15.26 -2.26
CA VAL A 66 -3.19 15.53 -1.44
C VAL A 66 -4.16 16.47 -2.15
N GLN A 67 -3.65 17.55 -2.71
CA GLN A 67 -4.48 18.57 -3.33
C GLN A 67 -5.19 18.06 -4.59
N THR A 68 -4.53 17.15 -5.32
CA THR A 68 -5.04 16.72 -6.62
C THR A 68 -5.67 15.32 -6.59
N THR A 69 -5.95 14.79 -5.41
CA THR A 69 -6.57 13.48 -5.31
C THR A 69 -8.08 13.60 -5.10
N GLU A 70 -8.81 12.53 -5.39
CA GLU A 70 -10.25 12.50 -5.18
C GLU A 70 -10.62 11.59 -4.01
N ASP A 71 -9.61 10.98 -3.40
CA ASP A 71 -9.81 10.13 -2.23
C ASP A 71 -9.82 10.99 -0.98
N GLN A 72 -11.02 11.24 -0.44
CA GLN A 72 -11.18 12.13 0.71
C GLN A 72 -10.52 11.58 1.96
N ILE A 73 -10.45 10.26 2.06
CA ILE A 73 -9.77 9.61 3.19
C ILE A 73 -8.27 9.87 3.11
N LEU A 74 -7.73 9.82 1.90
CA LEU A 74 -6.32 10.10 1.68
C LEU A 74 -6.00 11.55 2.04
N LYS A 75 -6.95 12.45 1.78
CA LYS A 75 -6.79 13.86 2.12
C LYS A 75 -6.69 14.07 3.62
N ARG A 76 -7.36 13.23 4.38
CA ARG A 76 -7.40 13.36 5.83
C ARG A 76 -6.20 12.68 6.51
N ASP A 77 -5.82 11.52 6.00
CA ASP A 77 -4.86 10.65 6.69
C ASP A 77 -3.39 10.94 6.41
N MET A 78 -3.11 11.46 5.22
CA MET A 78 -1.71 11.70 4.83
C MET A 78 -1.02 12.91 5.49
N PRO A 79 -1.68 14.09 5.53
CA PRO A 79 -0.99 15.27 6.08
C PRO A 79 -0.37 15.15 7.49
N PRO A 80 -0.95 14.38 8.41
CA PRO A 80 -0.21 14.24 9.68
C PRO A 80 1.14 13.53 9.57
N ALA A 81 1.39 12.86 8.44
CA ALA A 81 2.69 12.25 8.21
C ALA A 81 3.72 13.31 7.85
N PHE A 82 3.24 14.39 7.24
CA PHE A 82 4.09 15.53 6.90
C PHE A 82 4.64 16.13 8.18
N ILE A 83 3.75 16.35 9.14
CA ILE A 83 4.11 16.96 10.41
C ILE A 83 5.13 16.10 11.16
N LYS A 84 4.91 14.79 11.13
CA LYS A 84 5.78 13.86 11.85
C LYS A 84 7.22 13.89 11.33
N VAL A 85 7.40 13.88 10.01
CA VAL A 85 8.75 13.86 9.44
C VAL A 85 9.44 15.21 9.58
N GLU A 86 8.67 16.30 9.49
CA GLU A 86 9.24 17.62 9.65
C GLU A 86 9.71 17.81 11.09
N ASN A 87 8.91 17.34 12.03
CA ASN A 87 9.28 17.37 13.45
C ASN A 87 10.53 16.55 13.71
N ALA A 88 10.64 15.41 13.02
CA ALA A 88 11.80 14.55 13.13
C ALA A 88 13.08 15.26 12.68
N CYS A 89 12.99 15.98 11.56
CA CYS A 89 14.11 16.76 11.06
C CYS A 89 14.62 17.78 12.08
N THR A 90 13.70 18.37 12.84
CA THR A 90 14.05 19.34 13.87
C THR A 90 15.03 18.73 14.88
N LYS A 91 14.74 17.52 15.32
CA LYS A 91 15.61 16.82 16.27
C LYS A 91 16.98 16.52 15.67
N LEU A 92 17.03 16.24 14.38
CA LEU A 92 18.30 15.98 13.70
C LEU A 92 19.15 17.24 13.62
N VAL A 93 18.48 18.38 13.41
CA VAL A 93 19.16 19.67 13.33
C VAL A 93 19.75 20.02 14.70
N ARG A 94 18.97 19.79 15.75
CA ARG A 94 19.42 20.08 17.10
C ARG A 94 20.57 19.17 17.50
N ALA A 95 20.50 17.91 17.09
CA ALA A 95 21.57 16.95 17.38
C ALA A 95 22.90 17.39 16.77
N ALA A 96 22.87 17.82 15.51
CA ALA A 96 24.08 18.27 14.84
C ALA A 96 24.68 19.48 15.52
N GLN A 97 23.81 20.43 15.88
CA GLN A 97 24.21 21.64 16.58
C GLN A 97 24.87 21.30 17.92
N MET A 98 24.25 20.39 18.66
CA MET A 98 24.79 19.94 19.94
C MET A 98 26.17 19.31 19.79
N LEU A 99 26.35 18.50 18.74
CA LEU A 99 27.59 17.76 18.53
C LEU A 99 28.76 18.67 18.20
N GLN A 100 28.50 19.77 17.50
CA GLN A 100 29.53 20.77 17.24
C GLN A 100 30.04 21.35 18.55
N ALA A 101 29.12 21.56 19.49
CA ALA A 101 29.46 22.10 20.79
C ALA A 101 30.14 21.04 21.66
N ASP A 102 29.63 19.82 21.61
CA ASP A 102 30.15 18.73 22.42
C ASP A 102 29.97 17.39 21.74
N PRO A 103 31.06 16.85 21.18
CA PRO A 103 31.06 15.53 20.52
C PRO A 103 30.65 14.40 21.48
N TYR A 104 30.69 14.67 22.77
CA TYR A 104 30.31 13.68 23.78
C TYR A 104 28.88 13.89 24.29
N SER A 105 28.13 14.74 23.60
CA SER A 105 26.77 15.05 24.04
C SER A 105 25.87 13.81 23.96
N VAL A 106 25.32 13.44 25.10
CA VAL A 106 24.35 12.34 25.17
C VAL A 106 22.96 12.72 24.64
N PRO A 107 22.42 13.90 25.02
CA PRO A 107 21.12 14.29 24.44
C PRO A 107 21.17 14.36 22.92
N ALA A 108 22.33 14.70 22.37
CA ALA A 108 22.49 14.74 20.92
C ALA A 108 22.31 13.35 20.34
N ARG A 109 22.82 12.34 21.06
CA ARG A 109 22.69 10.96 20.62
C ARG A 109 21.23 10.49 20.68
N ASP A 110 20.53 10.85 21.76
CA ASP A 110 19.12 10.52 21.89
C ASP A 110 18.30 11.20 20.80
N TYR A 111 18.73 12.39 20.37
CA TYR A 111 18.06 13.13 19.32
C TYR A 111 18.25 12.49 17.95
N LEU A 112 19.48 12.04 17.68
CA LEU A 112 19.79 11.37 16.42
CA LEU A 112 19.80 11.35 16.43
C LEU A 112 18.95 10.10 16.27
N ILE A 113 18.75 9.40 17.39
CA ILE A 113 17.94 8.19 17.41
C ILE A 113 16.45 8.51 17.25
N ASP A 114 15.95 9.45 18.05
CA ASP A 114 14.53 9.82 18.01
C ASP A 114 14.13 10.42 16.66
N GLY A 115 15.00 11.27 16.13
CA GLY A 115 14.77 11.88 14.83
C GLY A 115 14.76 10.86 13.71
N SER A 116 15.69 9.91 13.77
CA SER A 116 15.75 8.82 12.80
C SER A 116 14.48 8.00 12.83
N ARG A 117 14.08 7.59 14.04
CA ARG A 117 12.83 6.84 14.22
C ARG A 117 11.60 7.63 13.76
N GLY A 118 11.65 8.95 13.93
CA GLY A 118 10.54 9.80 13.53
C GLY A 118 10.40 9.84 12.03
N ILE A 119 11.52 9.93 11.33
CA ILE A 119 11.52 9.89 9.88
C ILE A 119 11.03 8.53 9.37
N LEU A 120 11.51 7.45 9.98
CA LEU A 120 11.08 6.11 9.63
C LEU A 120 9.58 5.94 9.84
N SER A 121 9.11 6.31 11.02
CA SER A 121 7.70 6.15 11.37
C SER A 121 6.79 7.00 10.49
N GLY A 122 7.24 8.19 10.14
CA GLY A 122 6.47 9.10 9.32
C GLY A 122 6.46 8.70 7.86
N THR A 123 7.62 8.27 7.36
CA THR A 123 7.71 7.78 5.98
C THR A 123 6.87 6.52 5.82
N SER A 124 6.85 5.69 6.87
CA SER A 124 6.01 4.51 6.89
C SER A 124 4.54 4.88 6.83
N ASP A 125 4.13 5.87 7.62
CA ASP A 125 2.74 6.31 7.65
C ASP A 125 2.31 6.79 6.27
N LEU A 126 3.17 7.60 5.64
CA LEU A 126 2.87 8.16 4.34
C LEU A 126 2.73 7.07 3.28
N LEU A 127 3.60 6.07 3.35
CA LEU A 127 3.57 4.97 2.39
C LEU A 127 2.35 4.08 2.59
N LEU A 128 2.02 3.79 3.84
CA LEU A 128 0.87 2.96 4.15
CA LEU A 128 0.88 2.96 4.16
C LEU A 128 -0.43 3.66 3.77
N THR A 129 -0.53 4.94 4.07
CA THR A 129 -1.75 5.68 3.77
C THR A 129 -2.00 5.77 2.27
N PHE A 130 -0.94 5.82 1.48
CA PHE A 130 -1.07 5.81 0.03
C PHE A 130 -1.41 4.40 -0.46
N ASP A 131 -0.87 3.39 0.22
CA ASP A 131 -1.13 2.00 -0.12
C ASP A 131 -2.58 1.64 0.15
N GLU A 132 -3.15 2.21 1.20
CA GLU A 132 -4.56 2.00 1.52
C GLU A 132 -5.46 2.64 0.47
N ALA A 133 -4.99 3.72 -0.13
CA ALA A 133 -5.73 4.39 -1.20
C ALA A 133 -5.68 3.57 -2.48
N GLU A 134 -4.52 2.98 -2.76
CA GLU A 134 -4.36 2.11 -3.93
C GLU A 134 -5.28 0.90 -3.81
N VAL A 135 -5.42 0.38 -2.60
CA VAL A 135 -6.30 -0.76 -2.34
C VAL A 135 -7.77 -0.40 -2.55
N ARG A 136 -8.14 0.80 -2.13
CA ARG A 136 -9.52 1.26 -2.28
C ARG A 136 -9.95 1.34 -3.74
N LYS A 137 -9.00 1.61 -4.63
CA LYS A 137 -9.30 1.62 -6.07
C LYS A 137 -9.63 0.21 -6.56
N ILE A 138 -8.89 -0.77 -6.08
CA ILE A 138 -9.15 -2.15 -6.46
C ILE A 138 -10.52 -2.60 -5.95
N ILE A 139 -10.82 -2.21 -4.71
CA ILE A 139 -12.09 -2.56 -4.08
C ILE A 139 -13.28 -1.97 -4.82
N ARG A 140 -13.14 -0.72 -5.26
CA ARG A 140 -14.23 -0.06 -5.98
C ARG A 140 -14.54 -0.79 -7.28
N VAL A 141 -13.49 -1.32 -7.91
CA VAL A 141 -13.65 -2.11 -9.12
C VAL A 141 -14.34 -3.44 -8.81
N CYS A 142 -13.89 -4.09 -7.74
CA CYS A 142 -14.49 -5.35 -7.30
C CYS A 142 -15.96 -5.18 -6.96
N LYS A 143 -16.31 -4.09 -6.27
CA LYS A 143 -17.69 -3.82 -5.92
C LYS A 143 -18.52 -3.43 -7.14
N GLY A 144 -17.83 -2.93 -8.16
CA GLY A 144 -18.47 -2.65 -9.43
C GLY A 144 -18.92 -3.95 -10.06
N ILE A 145 -18.07 -4.98 -9.98
CA ILE A 145 -18.39 -6.29 -10.53
C ILE A 145 -19.58 -6.91 -9.80
N LEU A 146 -19.55 -6.85 -8.47
CA LEU A 146 -20.65 -7.33 -7.65
C LEU A 146 -21.99 -6.72 -8.06
N GLU A 147 -22.00 -5.41 -8.27
CA GLU A 147 -23.21 -4.69 -8.66
C GLU A 147 -23.70 -5.13 -10.02
N TYR A 148 -22.76 -5.45 -10.91
CA TYR A 148 -23.11 -5.84 -12.27
C TYR A 148 -23.44 -7.33 -12.34
N LEU A 149 -23.06 -8.08 -11.32
CA LEU A 149 -23.42 -9.49 -11.26
C LEU A 149 -24.88 -9.67 -10.85
N THR A 150 -25.43 -8.68 -10.16
CA THR A 150 -26.82 -8.73 -9.75
C THR A 150 -27.77 -8.44 -10.92
N VAL A 151 -27.27 -7.73 -11.92
CA VAL A 151 -28.09 -7.39 -13.08
C VAL A 151 -28.06 -8.48 -14.14
N ALA A 152 -27.35 -9.57 -13.85
CA ALA A 152 -27.36 -10.73 -14.72
C ALA A 152 -28.71 -11.42 -14.64
N GLU A 153 -29.43 -11.17 -13.55
CA GLU A 153 -30.76 -11.73 -13.34
C GLU A 153 -31.81 -10.96 -14.13
N VAL A 154 -31.36 -9.93 -14.86
CA VAL A 154 -32.26 -9.09 -15.65
C VAL A 154 -32.20 -9.50 -17.13
N VAL A 155 -31.10 -10.12 -17.52
CA VAL A 155 -30.92 -10.55 -18.91
C VAL A 155 -31.95 -11.60 -19.31
N GLU A 156 -32.89 -11.21 -20.17
CA GLU A 156 -33.91 -12.13 -20.64
C GLU A 156 -33.76 -12.45 -22.12
N THR A 157 -33.24 -11.50 -22.90
CA THR A 157 -33.07 -11.69 -24.34
C THR A 157 -31.61 -11.87 -24.72
N MET A 158 -31.40 -12.42 -25.92
CA MET A 158 -30.06 -12.69 -26.42
C MET A 158 -29.25 -11.42 -26.62
N GLU A 159 -29.92 -10.35 -27.03
CA GLU A 159 -29.23 -9.08 -27.27
C GLU A 159 -28.82 -8.43 -25.95
N ASP A 160 -29.62 -8.66 -24.90
CA ASP A 160 -29.27 -8.22 -23.56
C ASP A 160 -27.99 -8.91 -23.12
N LEU A 161 -27.91 -10.21 -23.41
CA LEU A 161 -26.75 -11.02 -23.04
C LEU A 161 -25.48 -10.51 -23.72
N VAL A 162 -25.59 -10.13 -24.99
CA VAL A 162 -24.45 -9.61 -25.73
C VAL A 162 -23.98 -8.29 -25.10
N THR A 163 -24.93 -7.44 -24.75
CA THR A 163 -24.64 -6.16 -24.12
C THR A 163 -24.04 -6.36 -22.73
N TYR A 164 -24.57 -7.33 -22.00
CA TYR A 164 -24.11 -7.65 -20.66
C TYR A 164 -22.66 -8.11 -20.66
N THR A 165 -22.35 -9.08 -21.51
CA THR A 165 -21.01 -9.65 -21.59
C THR A 165 -19.97 -8.61 -22.01
N LYS A 166 -20.34 -7.76 -22.97
CA LYS A 166 -19.43 -6.72 -23.44
C LYS A 166 -19.10 -5.69 -22.36
N ASN A 167 -20.01 -5.54 -21.39
CA ASN A 167 -19.78 -4.63 -20.28
C ASN A 167 -19.07 -5.30 -19.12
N LEU A 168 -19.42 -6.56 -18.85
CA LEU A 168 -18.83 -7.30 -17.74
C LEU A 168 -17.41 -7.76 -18.06
N GLY A 169 -17.19 -8.19 -19.30
CA GLY A 169 -15.91 -8.72 -19.74
C GLY A 169 -14.66 -7.93 -19.37
N PRO A 170 -14.55 -6.68 -19.86
CA PRO A 170 -13.40 -5.82 -19.55
C PRO A 170 -13.29 -5.50 -18.07
N GLY A 171 -14.42 -5.51 -17.36
CA GLY A 171 -14.41 -5.29 -15.93
C GLY A 171 -13.69 -6.42 -15.22
N MET A 172 -13.94 -7.64 -15.69
CA MET A 172 -13.31 -8.83 -15.12
C MET A 172 -11.81 -8.85 -15.40
N THR A 173 -11.44 -8.52 -16.62
CA THR A 173 -10.05 -8.55 -17.04
C THR A 173 -9.23 -7.53 -16.25
N LYS A 174 -9.81 -6.37 -15.99
CA LYS A 174 -9.14 -5.36 -15.20
C LYS A 174 -8.96 -5.82 -13.77
N MET A 175 -10.00 -6.40 -13.19
CA MET A 175 -9.95 -6.90 -11.82
C MET A 175 -8.86 -7.97 -11.65
N ALA A 176 -8.77 -8.88 -12.61
CA ALA A 176 -7.78 -9.95 -12.55
C ALA A 176 -6.35 -9.37 -12.60
N LYS A 177 -6.16 -8.35 -13.42
CA LYS A 177 -4.86 -7.72 -13.55
C LYS A 177 -4.44 -7.01 -12.26
N MET A 178 -5.41 -6.34 -11.62
CA MET A 178 -5.15 -5.63 -10.38
C MET A 178 -4.81 -6.60 -9.24
N ILE A 179 -5.59 -7.66 -9.11
CA ILE A 179 -5.38 -8.65 -8.05
C ILE A 179 -4.05 -9.37 -8.22
N ASP A 180 -3.71 -9.69 -9.46
CA ASP A 180 -2.44 -10.32 -9.77
C ASP A 180 -1.25 -9.41 -9.43
N GLU A 181 -1.38 -8.13 -9.76
CA GLU A 181 -0.32 -7.16 -9.44
C GLU A 181 -0.23 -6.93 -7.93
N ARG A 182 -1.37 -7.00 -7.26
CA ARG A 182 -1.44 -6.75 -5.82
C ARG A 182 -0.89 -7.91 -5.00
N GLN A 183 -1.23 -9.14 -5.41
CA GLN A 183 -0.77 -10.30 -4.68
C GLN A 183 0.76 -10.43 -4.70
N GLN A 184 1.37 -9.98 -5.79
CA GLN A 184 2.83 -10.06 -5.92
C GLN A 184 3.56 -9.09 -5.01
N GLU A 185 2.82 -8.19 -4.37
CA GLU A 185 3.43 -7.17 -3.51
C GLU A 185 3.36 -7.53 -2.04
N LEU A 186 2.48 -8.47 -1.68
CA LEU A 186 2.26 -8.80 -0.28
C LEU A 186 3.44 -9.55 0.34
N THR A 187 3.70 -9.27 1.62
CA THR A 187 4.75 -9.93 2.38
C THR A 187 4.17 -11.08 3.21
N HIS A 188 2.89 -11.35 3.04
CA HIS A 188 2.24 -12.45 3.74
C HIS A 188 1.76 -13.49 2.73
N GLN A 189 2.33 -14.68 2.81
CA GLN A 189 2.12 -15.73 1.82
C GLN A 189 0.68 -16.25 1.77
N GLU A 190 0.10 -16.46 2.96
CA GLU A 190 -1.28 -16.94 3.06
C GLU A 190 -2.27 -15.99 2.36
N HIS A 191 -1.98 -14.70 2.42
CA HIS A 191 -2.83 -13.71 1.77
C HIS A 191 -2.69 -13.79 0.25
N ARG A 192 -1.47 -14.03 -0.22
CA ARG A 192 -1.23 -14.20 -1.65
C ARG A 192 -1.99 -15.41 -2.17
N VAL A 193 -2.00 -16.48 -1.37
CA VAL A 193 -2.68 -17.72 -1.76
C VAL A 193 -4.19 -17.54 -1.84
N MET A 194 -4.77 -16.93 -0.82
CA MET A 194 -6.22 -16.70 -0.76
C MET A 194 -6.69 -15.80 -1.91
N LEU A 195 -5.87 -14.80 -2.24
CA LEU A 195 -6.17 -13.91 -3.36
C LEU A 195 -6.13 -14.66 -4.69
N VAL A 196 -5.08 -15.43 -4.91
CA VAL A 196 -4.92 -16.16 -6.17
C VAL A 196 -5.97 -17.26 -6.35
N ASN A 197 -6.21 -18.03 -5.29
CA ASN A 197 -7.22 -19.08 -5.34
C ASN A 197 -8.61 -18.55 -5.64
N SER A 198 -8.95 -17.43 -5.01
CA SER A 198 -10.27 -16.83 -5.21
C SER A 198 -10.40 -16.27 -6.62
N MET A 199 -9.35 -15.62 -7.10
CA MET A 199 -9.37 -15.03 -8.43
C MET A 199 -9.42 -16.10 -9.53
N ASN A 200 -8.76 -17.23 -9.27
CA ASN A 200 -8.78 -18.35 -10.20
C ASN A 200 -10.17 -18.96 -10.31
N THR A 201 -10.85 -19.05 -9.18
CA THR A 201 -12.20 -19.58 -9.13
C THR A 201 -13.17 -18.66 -9.88
N VAL A 202 -12.99 -17.35 -9.69
CA VAL A 202 -13.86 -16.39 -10.36
C VAL A 202 -13.70 -16.46 -11.88
N LYS A 203 -12.46 -16.56 -12.34
CA LYS A 203 -12.19 -16.62 -13.77
C LYS A 203 -12.69 -17.91 -14.42
N GLU A 204 -12.71 -18.99 -13.64
CA GLU A 204 -13.16 -20.28 -14.17
C GLU A 204 -14.67 -20.43 -14.07
N LEU A 205 -15.31 -19.53 -13.34
CA LEU A 205 -16.77 -19.54 -13.23
C LEU A 205 -17.42 -18.56 -14.22
N LEU A 206 -16.62 -17.66 -14.78
CA LEU A 206 -17.11 -16.71 -15.78
C LEU A 206 -17.70 -17.37 -17.03
N PRO A 207 -16.98 -18.33 -17.66
CA PRO A 207 -17.62 -18.99 -18.80
C PRO A 207 -18.80 -19.86 -18.39
N VAL A 208 -18.77 -20.36 -17.16
CA VAL A 208 -19.88 -21.13 -16.61
C VAL A 208 -21.11 -20.24 -16.48
N LEU A 209 -20.91 -19.01 -16.03
CA LEU A 209 -22.00 -18.06 -15.86
C LEU A 209 -22.61 -17.63 -17.19
N ILE A 210 -21.75 -17.34 -18.16
CA ILE A 210 -22.19 -16.91 -19.48
C ILE A 210 -23.01 -18.02 -20.17
N SER A 211 -22.48 -19.23 -20.14
CA SER A 211 -23.14 -20.37 -20.78
C SER A 211 -24.46 -20.71 -20.09
N ALA A 212 -24.49 -20.51 -18.77
CA ALA A 212 -25.69 -20.79 -17.99
C ALA A 212 -26.85 -19.90 -18.41
N MET A 213 -26.60 -18.61 -18.55
CA MET A 213 -27.67 -17.68 -18.93
C MET A 213 -27.95 -17.70 -20.42
N LYS A 214 -27.02 -18.22 -21.20
CA LYS A 214 -27.26 -18.43 -22.62
C LYS A 214 -28.34 -19.50 -22.77
N ILE A 215 -28.21 -20.57 -21.99
CA ILE A 215 -29.20 -21.63 -21.95
C ILE A 215 -30.53 -21.08 -21.46
N PHE A 216 -30.50 -20.27 -20.40
CA PHE A 216 -31.71 -19.68 -19.84
C PHE A 216 -32.44 -18.80 -20.84
N VAL A 217 -31.70 -17.99 -21.58
CA VAL A 217 -32.30 -17.10 -22.58
C VAL A 217 -32.95 -17.91 -23.70
N THR A 218 -32.21 -18.88 -24.24
CA THR A 218 -32.69 -19.69 -25.34
C THR A 218 -33.87 -20.58 -24.96
N THR A 219 -33.78 -21.20 -23.78
CA THR A 219 -34.83 -22.09 -23.30
C THR A 219 -36.11 -21.32 -23.00
N LYS A 220 -35.97 -20.05 -22.61
CA LYS A 220 -37.13 -19.21 -22.34
C LYS A 220 -37.61 -18.51 -23.62
N GLY A 226 -37.17 -26.86 -19.83
CA GLY A 226 -36.15 -26.99 -18.81
C GLY A 226 -35.51 -25.66 -18.43
N ILE A 227 -36.34 -24.66 -18.17
CA ILE A 227 -35.86 -23.35 -17.77
C ILE A 227 -35.49 -23.31 -16.29
N GLU A 228 -36.15 -24.16 -15.50
CA GLU A 228 -35.97 -24.16 -14.06
C GLU A 228 -34.55 -24.51 -13.65
N GLU A 229 -33.98 -25.52 -14.30
CA GLU A 229 -32.60 -25.92 -14.04
C GLU A 229 -31.63 -24.82 -14.44
N ALA A 230 -31.84 -24.23 -15.62
CA ALA A 230 -30.97 -23.17 -16.11
C ALA A 230 -31.09 -21.92 -15.25
N LEU A 231 -32.30 -21.65 -14.77
CA LEU A 231 -32.57 -20.51 -13.91
C LEU A 231 -31.72 -20.59 -12.64
N LYS A 232 -31.80 -21.74 -11.97
CA LYS A 232 -31.12 -21.92 -10.70
C LYS A 232 -29.60 -22.05 -10.84
N ASN A 233 -29.16 -22.66 -11.94
CA ASN A 233 -27.73 -22.80 -12.20
C ASN A 233 -27.07 -21.44 -12.44
N ARG A 234 -27.83 -20.54 -13.04
CA ARG A 234 -27.35 -19.17 -13.24
C ARG A 234 -27.19 -18.47 -11.90
N ASN A 235 -28.26 -18.48 -11.10
CA ASN A 235 -28.25 -17.87 -9.78
C ASN A 235 -27.15 -18.39 -8.88
N PHE A 236 -26.98 -19.71 -8.84
CA PHE A 236 -25.99 -20.34 -8.00
C PHE A 236 -24.57 -19.93 -8.42
N THR A 237 -24.38 -19.75 -9.72
CA THR A 237 -23.09 -19.33 -10.25
C THR A 237 -22.80 -17.87 -9.85
N VAL A 238 -23.82 -17.03 -9.95
CA VAL A 238 -23.70 -15.63 -9.54
C VAL A 238 -23.31 -15.51 -8.07
N GLU A 239 -24.07 -16.16 -7.21
CA GLU A 239 -23.87 -16.07 -5.76
C GLU A 239 -22.56 -16.70 -5.32
N LYS A 240 -22.04 -17.63 -6.11
CA LYS A 240 -20.75 -18.24 -5.84
C LYS A 240 -19.61 -17.30 -6.25
N MET A 241 -19.77 -16.66 -7.42
CA MET A 241 -18.82 -15.67 -7.88
C MET A 241 -18.78 -14.47 -6.94
N SER A 242 -19.96 -14.07 -6.47
CA SER A 242 -20.09 -12.96 -5.53
C SER A 242 -19.41 -13.27 -4.21
N ALA A 243 -19.59 -14.51 -3.75
CA ALA A 243 -18.97 -14.96 -2.51
C ALA A 243 -17.46 -14.90 -2.60
N GLU A 244 -16.92 -15.28 -3.76
CA GLU A 244 -15.48 -15.27 -3.98
C GLU A 244 -14.94 -13.85 -4.07
N ILE A 245 -15.69 -12.96 -4.71
CA ILE A 245 -15.29 -11.56 -4.82
C ILE A 245 -15.31 -10.87 -3.46
N ASN A 246 -16.33 -11.14 -2.65
CA ASN A 246 -16.37 -10.61 -1.29
C ASN A 246 -15.19 -11.10 -0.46
N GLU A 247 -14.82 -12.36 -0.64
CA GLU A 247 -13.65 -12.91 0.03
C GLU A 247 -12.38 -12.15 -0.34
N ILE A 248 -12.28 -11.78 -1.61
CA ILE A 248 -11.16 -10.98 -2.10
C ILE A 248 -11.13 -9.60 -1.42
N ILE A 249 -12.30 -8.97 -1.33
CA ILE A 249 -12.41 -7.65 -0.70
C ILE A 249 -11.90 -7.65 0.74
N ARG A 250 -12.21 -8.73 1.47
CA ARG A 250 -11.75 -8.87 2.84
C ARG A 250 -10.23 -9.01 2.94
N VAL A 251 -9.67 -9.94 2.18
CA VAL A 251 -8.23 -10.21 2.22
C VAL A 251 -7.43 -8.96 1.87
N LEU A 252 -7.97 -8.15 0.95
CA LEU A 252 -7.34 -6.90 0.55
C LEU A 252 -7.22 -5.91 1.69
N GLN A 253 -8.14 -6.00 2.66
CA GLN A 253 -8.18 -5.08 3.78
C GLN A 253 -7.54 -5.65 5.03
N LEU A 254 -6.84 -6.77 4.90
CA LEU A 254 -6.29 -7.47 6.06
C LEU A 254 -5.00 -6.88 6.62
N THR A 255 -5.10 -6.34 7.83
CA THR A 255 -3.93 -6.12 8.68
C THR A 255 -4.21 -6.86 9.99
N SER A 256 -3.58 -8.02 10.13
CA SER A 256 -4.09 -9.09 10.99
C SER A 256 -4.25 -8.81 12.51
N TRP A 257 -5.47 -8.42 12.88
CA TRP A 257 -6.00 -8.68 14.20
C TRP A 257 -7.16 -9.63 13.95
N ASP A 258 -7.25 -10.08 12.71
CA ASP A 258 -8.35 -10.91 12.23
C ASP A 258 -8.00 -12.39 12.20
N ARG B 10 3.57 3.73 -15.59
CA ARG B 10 2.15 3.40 -15.56
C ARG B 10 1.44 4.19 -14.46
N ASP B 11 1.73 3.84 -13.22
CA ASP B 11 1.23 4.60 -12.07
C ASP B 11 2.30 5.60 -11.65
N ASP B 12 2.34 6.74 -12.35
CA ASP B 12 3.39 7.73 -12.12
C ASP B 12 3.29 8.40 -10.75
N ARG B 13 2.08 8.53 -10.24
CA ARG B 13 1.87 9.11 -8.92
C ARG B 13 2.53 8.25 -7.86
N ARG B 14 2.39 6.94 -8.02
CA ARG B 14 3.03 5.99 -7.12
C ARG B 14 4.54 6.03 -7.26
N GLU B 15 5.03 6.08 -8.50
CA GLU B 15 6.46 6.09 -8.76
C GLU B 15 7.13 7.31 -8.12
N ARG B 16 6.48 8.47 -8.24
CA ARG B 16 7.02 9.71 -7.71
C ARG B 16 7.17 9.64 -6.19
N ILE B 17 6.16 9.09 -5.52
CA ILE B 17 6.20 8.95 -4.07
C ILE B 17 7.28 7.97 -3.61
N VAL B 18 7.36 6.82 -4.27
CA VAL B 18 8.38 5.82 -3.97
C VAL B 18 9.79 6.40 -4.16
N ALA B 19 9.96 7.18 -5.22
CA ALA B 19 11.25 7.80 -5.51
C ALA B 19 11.65 8.80 -4.44
N GLU B 20 10.68 9.60 -3.98
CA GLU B 20 10.94 10.61 -2.95
C GLU B 20 11.27 9.96 -1.61
N CYS B 21 10.59 8.85 -1.30
CA CYS B 21 10.83 8.12 -0.06
C CYS B 21 12.19 7.43 -0.08
N ASN B 22 12.59 6.95 -1.26
CA ASN B 22 13.91 6.36 -1.43
C ASN B 22 15.01 7.39 -1.25
N ALA B 23 14.73 8.63 -1.69
CA ALA B 23 15.68 9.72 -1.54
C ALA B 23 15.83 10.11 -0.07
N VAL B 24 14.73 9.98 0.67
CA VAL B 24 14.75 10.20 2.12
C VAL B 24 15.54 9.09 2.81
N ARG B 25 15.30 7.86 2.39
CA ARG B 25 16.06 6.71 2.88
C ARG B 25 17.56 6.91 2.67
N GLN B 26 17.92 7.32 1.45
CA GLN B 26 19.32 7.46 1.08
C GLN B 26 20.05 8.53 1.91
N ALA B 27 19.42 9.68 2.08
CA ALA B 27 20.01 10.77 2.85
C ALA B 27 20.15 10.41 4.34
N LEU B 28 19.16 9.72 4.88
CA LEU B 28 19.18 9.31 6.27
C LEU B 28 20.28 8.26 6.52
N GLN B 29 20.36 7.27 5.64
CA GLN B 29 21.40 6.25 5.76
C GLN B 29 22.79 6.87 5.68
N ASP B 30 22.95 7.83 4.76
CA ASP B 30 24.23 8.54 4.64
C ASP B 30 24.56 9.28 5.94
N LEU B 31 23.56 9.95 6.51
CA LEU B 31 23.73 10.65 7.77
C LEU B 31 24.17 9.69 8.87
N LEU B 32 23.45 8.58 9.01
CA LEU B 32 23.73 7.62 10.07
C LEU B 32 25.08 6.93 9.87
N SER B 33 25.44 6.71 8.61
CA SER B 33 26.73 6.09 8.29
C SER B 33 27.91 7.01 8.64
N GLU B 34 27.75 8.30 8.37
CA GLU B 34 28.77 9.27 8.72
C GLU B 34 29.00 9.31 10.23
N TYR B 35 27.91 9.15 10.99
CA TYR B 35 27.99 9.19 12.45
C TYR B 35 28.57 7.90 13.02
N MET B 36 28.13 6.76 12.49
CA MET B 36 28.58 5.47 13.00
C MET B 36 29.97 5.10 12.50
N GLY B 37 30.38 5.71 11.40
CA GLY B 37 31.68 5.43 10.82
C GLY B 37 31.71 4.13 10.04
#